data_4LI6
#
_entry.id   4LI6
#
_cell.length_a   124.082
_cell.length_b   44.814
_cell.length_c   87.846
_cell.angle_alpha   90.00
_cell.angle_beta   90.22
_cell.angle_gamma   90.00
#
_symmetry.space_group_name_H-M   'C 1 2 1'
#
loop_
_entity.id
_entity.type
_entity.pdbx_description
1 polymer Tankyrase-1
2 non-polymer 'ZINC ION'
3 non-polymer 'SULFATE ION'
4 non-polymer N-[(4-oxo-3,4-dihydroquinazolin-2-yl)methyl]-3-phenyl-N-(thiophen-2-ylmethyl)propanamide
5 water water
#
_entity_poly.entity_id   1
_entity_poly.type   'polypeptide(L)'
_entity_poly.pdbx_seq_one_letter_code
;GGTILLDLAPEDKEYQSVEEEMQSTIREHRDGGNAGGIFNRYNVIRIQKVVNKKLRERFCHRQKEVSEENHNHHNERMLF
HGSPFINAIIHKGFDERHAYIGGMFGAGIYFAENSSKSNQYVYGIGGGTGCPTHKDRSCYICHRQMLFCRVTLGKSFLQF
STIKMAHAPPGHHSVIGRPSVNGLAYAEYVIYRGEQAYPEYLITYQIMKPEAPSQTATAAEQKT
;
_entity_poly.pdbx_strand_id   A,B
#
loop_
_chem_comp.id
_chem_comp.type
_chem_comp.name
_chem_comp.formula
1XO non-polymer N-[(4-oxo-3,4-dihydroquinazolin-2-yl)methyl]-3-phenyl-N-(thiophen-2-ylmethyl)propanamide 'C23 H21 N3 O2 S'
SO4 non-polymer 'SULFATE ION' 'O4 S -2'
ZN non-polymer 'ZINC ION' 'Zn 2'
#
# COMPACT_ATOMS: atom_id res chain seq x y z
N GLY A 2 -15.86 -12.69 12.88
CA GLY A 2 -14.92 -13.57 13.58
C GLY A 2 -14.49 -14.71 12.69
N THR A 3 -13.31 -15.24 12.95
CA THR A 3 -12.79 -16.34 12.16
C THR A 3 -13.35 -17.70 12.60
N ILE A 4 -13.76 -18.50 11.62
CA ILE A 4 -14.19 -19.87 11.86
C ILE A 4 -13.17 -20.78 11.20
N LEU A 5 -12.76 -21.83 11.91
CA LEU A 5 -11.90 -22.85 11.33
C LEU A 5 -12.70 -24.11 11.03
N LEU A 6 -12.69 -24.51 9.76
CA LEU A 6 -13.36 -25.72 9.33
C LEU A 6 -12.33 -26.85 9.37
N ASP A 7 -12.65 -27.93 10.05
CA ASP A 7 -11.70 -29.03 10.18
C ASP A 7 -11.86 -30.02 9.04
N LEU A 8 -10.88 -30.07 8.13
CA LEU A 8 -10.93 -31.03 7.04
C LEU A 8 -10.58 -32.42 7.57
N ALA A 9 -11.24 -33.44 7.06
CA ALA A 9 -10.96 -34.82 7.45
C ALA A 9 -9.82 -35.36 6.60
N PRO A 10 -8.95 -36.20 7.19
CA PRO A 10 -7.83 -36.83 6.47
C PRO A 10 -8.25 -37.61 5.22
N GLU A 11 -9.48 -38.12 5.21
CA GLU A 11 -9.98 -38.92 4.10
C GLU A 11 -10.68 -38.08 3.02
N ASP A 12 -10.64 -36.76 3.18
CA ASP A 12 -11.15 -35.83 2.16
C ASP A 12 -10.11 -35.58 1.08
N LYS A 13 -10.57 -35.49 -0.16
CA LYS A 13 -9.65 -35.28 -1.28
C LYS A 13 -8.97 -33.91 -1.17
N GLU A 14 -9.65 -32.98 -0.53
CA GLU A 14 -9.12 -31.63 -0.37
C GLU A 14 -7.97 -31.61 0.61
N TYR A 15 -8.15 -32.27 1.76
CA TYR A 15 -7.09 -32.48 2.73
C TYR A 15 -5.88 -33.12 2.04
N GLN A 16 -6.14 -34.22 1.35
CA GLN A 16 -5.08 -34.97 0.68
C GLN A 16 -4.35 -34.14 -0.39
N SER A 17 -5.08 -33.36 -1.18
CA SER A 17 -4.42 -32.58 -2.24
C SER A 17 -3.52 -31.50 -1.64
N VAL A 18 -3.95 -30.92 -0.52
CA VAL A 18 -3.17 -29.90 0.16
C VAL A 18 -1.90 -30.48 0.79
N GLU A 19 -2.01 -31.64 1.45
CA GLU A 19 -0.83 -32.29 2.04
C GLU A 19 0.15 -32.69 0.94
N GLU A 20 -0.37 -33.22 -0.16
CA GLU A 20 0.48 -33.70 -1.24
C GLU A 20 1.23 -32.55 -1.91
N GLU A 21 0.58 -31.40 -2.03
CA GLU A 21 1.26 -30.22 -2.55
C GLU A 21 2.34 -29.80 -1.55
N MET A 22 2.01 -29.85 -0.27
CA MET A 22 2.98 -29.50 0.75
C MET A 22 4.17 -30.47 0.81
N GLN A 23 3.88 -31.77 0.76
CA GLN A 23 4.95 -32.79 0.87
C GLN A 23 5.80 -32.85 -0.40
N SER A 24 5.19 -32.65 -1.57
CA SER A 24 5.91 -32.81 -2.83
C SER A 24 6.74 -31.59 -3.25
N THR A 25 6.58 -30.47 -2.54
CA THR A 25 7.31 -29.26 -2.91
C THR A 25 8.40 -28.94 -1.90
N ILE A 26 8.75 -29.93 -1.08
CA ILE A 26 9.95 -29.83 -0.25
C ILE A 26 11.16 -29.83 -1.18
N ARG A 27 12.16 -29.01 -0.89
CA ARG A 27 13.40 -29.06 -1.65
C ARG A 27 14.59 -28.81 -0.74
N GLU A 28 15.80 -29.05 -1.26
CA GLU A 28 17.02 -28.69 -0.55
C GLU A 28 17.19 -27.19 -0.55
N HIS A 29 17.68 -26.63 0.56
CA HIS A 29 17.90 -25.20 0.61
C HIS A 29 19.36 -24.87 0.71
N ARG A 30 19.71 -23.73 0.14
CA ARG A 30 21.09 -23.28 0.03
C ARG A 30 21.77 -23.23 1.38
N ASP A 31 20.98 -22.90 2.40
CA ASP A 31 21.52 -22.70 3.74
C ASP A 31 21.70 -24.02 4.48
N GLY A 32 21.57 -25.13 3.77
CA GLY A 32 21.88 -26.45 4.34
C GLY A 32 20.92 -26.88 5.44
N GLY A 33 19.81 -26.16 5.57
CA GLY A 33 18.82 -26.51 6.57
C GLY A 33 18.87 -25.60 7.77
N ASN A 34 19.75 -24.60 7.74
CA ASN A 34 19.97 -23.75 8.89
C ASN A 34 18.69 -23.11 9.42
N ALA A 35 17.93 -22.47 8.53
CA ALA A 35 16.75 -21.71 8.93
C ALA A 35 15.57 -22.60 9.32
N GLY A 36 15.27 -23.59 8.48
CA GLY A 36 14.04 -24.36 8.64
C GLY A 36 14.19 -25.75 9.23
N GLY A 37 15.42 -26.24 9.31
CA GLY A 37 15.67 -27.55 9.83
C GLY A 37 15.95 -28.58 8.77
N ILE A 38 16.31 -29.79 9.21
CA ILE A 38 16.61 -30.90 8.32
C ILE A 38 15.47 -31.94 8.32
N PHE A 39 14.91 -32.18 7.14
CA PHE A 39 13.77 -33.08 7.03
C PHE A 39 13.52 -33.41 5.57
N ASN A 40 12.81 -34.50 5.31
CA ASN A 40 12.44 -34.86 3.95
C ASN A 40 10.94 -34.87 3.79
N ARG A 41 10.24 -34.69 4.90
CA ARG A 41 8.81 -34.90 4.96
C ARG A 41 8.27 -34.28 6.23
N TYR A 42 7.01 -33.85 6.20
CA TYR A 42 6.35 -33.36 7.39
C TYR A 42 5.42 -34.42 7.97
N ASN A 43 5.12 -34.29 9.25
CA ASN A 43 3.97 -34.96 9.82
C ASN A 43 2.82 -33.96 9.91
N VAL A 44 1.80 -34.13 9.08
CA VAL A 44 0.67 -33.19 9.11
C VAL A 44 -0.32 -33.55 10.21
N ILE A 45 -0.49 -32.64 11.15
CA ILE A 45 -1.32 -32.89 12.31
C ILE A 45 -2.79 -32.54 12.05
N ARG A 46 -3.02 -31.41 11.37
CA ARG A 46 -4.36 -31.09 10.92
C ARG A 46 -4.34 -30.04 9.81
N ILE A 47 -5.43 -29.98 9.06
CA ILE A 47 -5.56 -28.97 8.03
C ILE A 47 -6.91 -28.35 8.21
N GLN A 48 -6.92 -27.03 8.37
CA GLN A 48 -8.12 -26.28 8.63
C GLN A 48 -8.38 -25.21 7.55
N LYS A 49 -9.64 -25.06 7.14
CA LYS A 49 -10.01 -24.03 6.20
C LYS A 49 -10.44 -22.78 6.97
N VAL A 50 -9.84 -21.63 6.64
CA VAL A 50 -10.15 -20.39 7.32
C VAL A 50 -11.37 -19.68 6.71
N VAL A 51 -12.37 -19.43 7.53
CA VAL A 51 -13.57 -18.76 7.08
C VAL A 51 -13.77 -17.47 7.86
N ASN A 52 -13.71 -16.35 7.15
CA ASN A 52 -13.89 -15.06 7.78
C ASN A 52 -14.53 -14.10 6.79
N LYS A 53 -15.74 -13.67 7.13
CA LYS A 53 -16.59 -12.89 6.24
C LYS A 53 -15.88 -11.65 5.72
N LYS A 54 -15.28 -10.87 6.62
CA LYS A 54 -14.63 -9.62 6.24
C LYS A 54 -13.38 -9.85 5.41
N LEU A 55 -12.58 -10.86 5.77
CA LEU A 55 -11.39 -11.16 4.99
C LEU A 55 -11.77 -11.59 3.59
N ARG A 56 -12.81 -12.43 3.48
CA ARG A 56 -13.34 -12.79 2.17
C ARG A 56 -13.86 -11.58 1.42
N GLU A 57 -14.55 -10.67 2.11
CA GLU A 57 -15.11 -9.48 1.43
C GLU A 57 -13.99 -8.64 0.81
N ARG A 58 -12.98 -8.35 1.61
CA ARG A 58 -11.89 -7.50 1.14
C ARG A 58 -11.11 -8.18 0.04
N PHE A 59 -11.01 -9.50 0.12
CA PHE A 59 -10.32 -10.24 -0.93
C PHE A 59 -11.10 -10.13 -2.24
N CYS A 60 -12.42 -10.31 -2.19
CA CYS A 60 -13.26 -10.18 -3.37
C CYS A 60 -13.15 -8.77 -3.92
N HIS A 61 -13.20 -7.79 -3.03
CA HIS A 61 -13.20 -6.38 -3.44
C HIS A 61 -11.94 -6.04 -4.24
N ARG A 62 -10.80 -6.49 -3.75
CA ARG A 62 -9.52 -6.26 -4.41
C ARG A 62 -9.38 -7.07 -5.69
N GLN A 63 -9.85 -8.32 -5.65
CA GLN A 63 -9.94 -9.17 -6.84
C GLN A 63 -10.51 -8.44 -8.05
N LYS A 64 -11.60 -7.72 -7.83
CA LYS A 64 -12.29 -7.03 -8.91
C LYS A 64 -11.44 -5.93 -9.53
N GLU A 65 -10.83 -5.11 -8.68
CA GLU A 65 -9.96 -4.03 -9.12
C GLU A 65 -8.81 -4.58 -9.95
N VAL A 66 -8.22 -5.68 -9.46
CA VAL A 66 -7.12 -6.30 -10.16
C VAL A 66 -7.55 -6.78 -11.54
N SER A 67 -8.60 -7.58 -11.57
CA SER A 67 -9.13 -8.10 -12.84
C SER A 67 -9.30 -6.99 -13.87
N GLU A 68 -9.87 -5.85 -13.48
CA GLU A 68 -10.07 -4.75 -14.42
C GLU A 68 -8.78 -4.24 -15.07
N GLU A 69 -7.68 -4.29 -14.33
CA GLU A 69 -6.39 -3.80 -14.81
C GLU A 69 -5.54 -4.91 -15.39
N ASN A 70 -6.12 -6.10 -15.47
CA ASN A 70 -5.40 -7.26 -15.98
C ASN A 70 -6.26 -8.02 -16.95
N HIS A 71 -6.88 -7.29 -17.87
CA HIS A 71 -7.65 -7.86 -18.97
C HIS A 71 -8.64 -8.89 -18.44
N ASN A 72 -9.30 -8.51 -17.37
CA ASN A 72 -10.31 -9.30 -16.68
C ASN A 72 -9.86 -10.68 -16.15
N HIS A 73 -8.58 -10.78 -15.78
CA HIS A 73 -8.07 -12.01 -15.16
C HIS A 73 -7.48 -11.76 -13.77
N HIS A 74 -7.94 -12.52 -12.79
CA HIS A 74 -7.37 -12.50 -11.45
C HIS A 74 -5.89 -12.86 -11.47
N ASN A 75 -5.57 -13.88 -12.28
CA ASN A 75 -4.27 -14.56 -12.21
C ASN A 75 -3.99 -15.05 -10.78
N GLU A 76 -4.90 -15.87 -10.26
CA GLU A 76 -4.77 -16.35 -8.90
C GLU A 76 -3.85 -17.57 -8.86
N ARG A 77 -3.09 -17.73 -7.78
CA ARG A 77 -2.29 -18.93 -7.57
C ARG A 77 -2.30 -19.33 -6.09
N MET A 78 -2.30 -20.64 -5.86
CA MET A 78 -2.17 -21.18 -4.51
C MET A 78 -0.70 -21.23 -4.15
N LEU A 79 -0.30 -20.53 -3.09
CA LEU A 79 1.10 -20.47 -2.70
C LEU A 79 1.25 -20.56 -1.20
N PHE A 80 2.39 -21.07 -0.76
CA PHE A 80 2.65 -21.19 0.67
C PHE A 80 3.17 -19.89 1.23
N HIS A 81 2.79 -19.62 2.47
CA HIS A 81 3.40 -18.53 3.23
C HIS A 81 3.70 -19.01 4.65
N GLY A 82 4.88 -18.65 5.16
CA GLY A 82 5.18 -18.86 6.56
C GLY A 82 5.71 -17.57 7.17
N SER A 83 5.45 -17.37 8.46
CA SER A 83 5.90 -16.18 9.19
C SER A 83 5.43 -16.36 10.63
N PRO A 84 5.96 -15.55 11.56
CA PRO A 84 5.54 -15.68 12.97
C PRO A 84 4.17 -15.07 13.24
N PHE A 85 3.51 -14.59 12.19
CA PHE A 85 2.29 -13.82 12.35
C PHE A 85 1.02 -14.58 11.97
N ILE A 86 1.11 -15.91 11.88
CA ILE A 86 -0.03 -16.71 11.41
C ILE A 86 -1.31 -16.39 12.18
N ASN A 87 -1.24 -16.38 13.50
CA ASN A 87 -2.46 -16.17 14.26
C ASN A 87 -3.10 -14.83 13.99
N ALA A 88 -2.28 -13.80 13.80
CA ALA A 88 -2.83 -12.50 13.43
C ALA A 88 -3.42 -12.52 12.01
N ILE A 89 -2.72 -13.16 11.08
CA ILE A 89 -3.19 -13.25 9.70
C ILE A 89 -4.58 -13.92 9.59
N ILE A 90 -4.81 -15.01 10.33
CA ILE A 90 -6.09 -15.71 10.19
C ILE A 90 -7.26 -14.97 10.84
N HIS A 91 -6.96 -14.02 11.73
CA HIS A 91 -8.02 -13.22 12.38
C HIS A 91 -8.20 -11.84 11.76
N LYS A 92 -7.11 -11.24 11.30
CA LYS A 92 -7.16 -9.86 10.80
C LYS A 92 -6.83 -9.75 9.32
N GLY A 93 -6.26 -10.80 8.74
CA GLY A 93 -5.89 -10.78 7.34
C GLY A 93 -4.42 -10.40 7.21
N PHE A 94 -3.85 -10.64 6.05
CA PHE A 94 -2.47 -10.21 5.77
C PHE A 94 -2.38 -8.69 5.84
N ASP A 95 -1.32 -8.17 6.45
CA ASP A 95 -1.22 -6.74 6.68
C ASP A 95 0.14 -6.23 6.22
N GLU A 96 0.17 -5.56 5.08
CA GLU A 96 1.43 -5.15 4.48
C GLU A 96 2.21 -4.18 5.38
N ARG A 97 1.54 -3.61 6.37
CA ARG A 97 2.20 -2.67 7.26
C ARG A 97 3.27 -3.36 8.11
N HIS A 98 3.18 -4.68 8.21
CA HIS A 98 4.23 -5.45 8.89
C HIS A 98 5.36 -5.84 7.96
N ALA A 99 5.30 -5.39 6.72
CA ALA A 99 6.38 -5.69 5.78
C ALA A 99 7.60 -4.81 6.06
N TYR A 100 8.74 -5.23 5.55
CA TYR A 100 9.99 -4.58 5.87
C TYR A 100 10.63 -4.03 4.61
N ILE A 101 10.99 -2.74 4.64
CA ILE A 101 11.93 -2.23 3.66
C ILE A 101 13.18 -3.07 3.85
N GLY A 102 13.92 -3.31 2.78
CA GLY A 102 15.10 -4.13 2.90
C GLY A 102 14.75 -5.61 2.86
N GLY A 103 13.47 -5.93 2.65
CA GLY A 103 13.11 -7.26 2.19
C GLY A 103 13.77 -7.34 0.82
N MET A 104 14.03 -8.55 0.33
CA MET A 104 14.80 -8.67 -0.90
C MET A 104 14.17 -7.95 -2.10
N PHE A 105 12.84 -7.94 -2.17
CA PHE A 105 12.16 -7.19 -3.21
C PHE A 105 11.27 -6.14 -2.59
N GLY A 106 11.71 -5.62 -1.46
CA GLY A 106 11.02 -4.51 -0.83
C GLY A 106 9.96 -4.92 0.16
N ALA A 107 9.17 -3.94 0.57
CA ALA A 107 8.24 -4.09 1.66
C ALA A 107 6.94 -4.79 1.23
N GLY A 108 7.05 -6.07 0.90
CA GLY A 108 5.89 -6.85 0.50
C GLY A 108 5.61 -8.02 1.42
N ILE A 109 4.58 -8.77 1.08
CA ILE A 109 4.27 -10.02 1.76
C ILE A 109 4.68 -11.14 0.79
N TYR A 110 5.49 -12.08 1.28
CA TYR A 110 6.19 -13.03 0.41
C TYR A 110 5.58 -14.45 0.43
N PHE A 111 5.56 -15.11 -0.73
CA PHE A 111 4.94 -16.43 -0.87
C PHE A 111 5.83 -17.31 -1.75
N ALA A 112 5.74 -18.63 -1.57
CA ALA A 112 6.62 -19.54 -2.30
C ALA A 112 5.85 -20.72 -2.88
N GLU A 113 6.33 -21.27 -3.98
CA GLU A 113 5.79 -22.53 -4.48
C GLU A 113 6.22 -23.72 -3.62
N ASN A 114 7.39 -23.60 -2.99
CA ASN A 114 7.96 -24.67 -2.17
C ASN A 114 7.56 -24.51 -0.71
N SER A 115 6.82 -25.47 -0.18
CA SER A 115 6.43 -25.43 1.22
C SER A 115 7.67 -25.28 2.13
N SER A 116 8.78 -25.91 1.73
CA SER A 116 10.00 -25.88 2.51
C SER A 116 10.62 -24.48 2.61
N LYS A 117 10.44 -23.67 1.57
CA LYS A 117 10.84 -22.27 1.64
C LYS A 117 10.04 -21.55 2.73
N SER A 118 8.71 -21.67 2.69
CA SER A 118 7.88 -21.03 3.71
C SER A 118 8.21 -21.51 5.13
N ASN A 119 8.56 -22.77 5.27
CA ASN A 119 8.92 -23.32 6.58
C ASN A 119 10.15 -22.62 7.20
N GLN A 120 11.02 -22.06 6.37
CA GLN A 120 12.15 -21.32 6.89
C GLN A 120 11.77 -20.14 7.79
N TYR A 121 10.57 -19.59 7.60
CA TYR A 121 10.21 -18.34 8.26
C TYR A 121 9.25 -18.52 9.44
N VAL A 122 8.93 -19.76 9.76
CA VAL A 122 8.01 -20.05 10.85
C VAL A 122 8.44 -19.32 12.13
N TYR A 123 9.73 -19.32 12.41
CA TYR A 123 10.23 -18.67 13.62
C TYR A 123 10.93 -17.34 13.35
N GLY A 124 10.68 -16.77 12.19
CA GLY A 124 11.25 -15.47 11.84
C GLY A 124 12.29 -15.58 10.75
N ILE A 125 12.88 -14.44 10.37
CA ILE A 125 13.89 -14.41 9.32
C ILE A 125 15.07 -15.29 9.69
N GLY A 126 15.51 -16.12 8.75
CA GLY A 126 16.61 -17.02 9.03
C GLY A 126 16.26 -18.05 10.09
N GLY A 127 14.97 -18.21 10.39
CA GLY A 127 14.54 -19.14 11.42
C GLY A 127 14.66 -18.61 12.82
N GLY A 128 15.09 -17.35 12.95
CA GLY A 128 15.16 -16.70 14.26
C GLY A 128 16.01 -17.50 15.24
N THR A 129 15.52 -17.63 16.47
CA THR A 129 16.20 -18.44 17.46
C THR A 129 15.49 -19.79 17.62
N GLY A 130 14.70 -20.20 16.62
CA GLY A 130 14.03 -21.47 16.70
C GLY A 130 12.79 -21.45 17.59
N CYS A 131 12.26 -22.64 17.88
CA CYS A 131 11.09 -22.76 18.73
C CYS A 131 11.33 -22.12 20.09
N PRO A 132 10.29 -21.50 20.65
CA PRO A 132 10.35 -20.87 21.98
C PRO A 132 10.86 -21.82 23.06
N THR A 133 10.41 -23.07 23.04
CA THR A 133 10.73 -24.00 24.11
C THR A 133 12.18 -24.50 24.11
N HIS A 134 12.68 -24.92 22.95
CA HIS A 134 14.00 -25.56 22.89
C HIS A 134 15.04 -24.71 22.16
N LYS A 135 14.62 -23.57 21.60
CA LYS A 135 15.51 -22.71 20.83
C LYS A 135 16.16 -23.49 19.69
N ASP A 136 15.40 -24.41 19.10
CA ASP A 136 15.93 -25.29 18.08
C ASP A 136 15.24 -25.00 16.75
N ARG A 137 15.97 -24.49 15.77
CA ARG A 137 15.34 -24.22 14.48
C ARG A 137 14.97 -25.51 13.75
N SER A 138 15.55 -26.63 14.17
CA SER A 138 15.18 -27.91 13.60
C SER A 138 14.41 -28.78 14.57
N CYS A 139 13.63 -28.16 15.44
CA CYS A 139 12.85 -28.91 16.44
C CYS A 139 11.89 -29.88 15.78
N TYR A 140 11.88 -31.11 16.27
CA TYR A 140 11.00 -32.14 15.75
C TYR A 140 9.82 -32.38 16.69
N ILE A 141 9.79 -31.64 17.79
CA ILE A 141 8.77 -31.79 18.82
C ILE A 141 7.66 -30.75 18.64
N CYS A 142 8.04 -29.48 18.66
CA CYS A 142 7.08 -28.38 18.64
C CYS A 142 6.29 -28.29 17.33
N HIS A 143 4.99 -28.05 17.46
CA HIS A 143 4.10 -27.86 16.31
C HIS A 143 4.39 -26.54 15.61
N ARG A 144 4.29 -26.56 14.28
CA ARG A 144 4.48 -25.38 13.46
C ARG A 144 3.20 -25.16 12.67
N GLN A 145 2.99 -23.94 12.21
CA GLN A 145 1.90 -23.67 11.29
C GLN A 145 2.39 -22.91 10.07
N MET A 146 1.83 -23.24 8.90
CA MET A 146 2.04 -22.44 7.70
C MET A 146 0.73 -22.30 6.96
N LEU A 147 0.69 -21.38 6.01
CA LEU A 147 -0.55 -21.14 5.27
C LEU A 147 -0.42 -21.54 3.81
N PHE A 148 -1.50 -22.12 3.27
CA PHE A 148 -1.58 -22.36 1.84
C PHE A 148 -2.67 -21.42 1.30
N CYS A 149 -2.25 -20.38 0.57
CA CYS A 149 -3.10 -19.20 0.36
C CYS A 149 -3.54 -18.98 -1.07
N ARG A 150 -4.70 -18.34 -1.24
CA ARG A 150 -5.10 -17.81 -2.55
C ARG A 150 -4.40 -16.48 -2.73
N VAL A 151 -3.63 -16.36 -3.80
CA VAL A 151 -2.88 -15.13 -4.02
C VAL A 151 -3.26 -14.52 -5.36
N THR A 152 -3.78 -13.30 -5.29
CA THR A 152 -4.14 -12.55 -6.49
C THR A 152 -2.89 -11.88 -7.01
N LEU A 153 -2.32 -12.46 -8.05
CA LEU A 153 -1.10 -11.92 -8.63
C LEU A 153 -1.36 -10.85 -9.67
N GLY A 154 -2.51 -10.91 -10.33
CA GLY A 154 -2.81 -10.03 -11.44
C GLY A 154 -1.67 -10.01 -12.46
N LYS A 155 -1.25 -8.80 -12.82
CA LYS A 155 -0.16 -8.63 -13.76
C LYS A 155 1.16 -8.54 -12.99
N SER A 156 1.98 -9.58 -13.12
CA SER A 156 3.22 -9.70 -12.35
C SER A 156 4.37 -8.98 -13.03
N PHE A 157 5.14 -8.24 -12.24
CA PHE A 157 6.36 -7.65 -12.76
C PHE A 157 7.49 -8.62 -12.49
N LEU A 158 8.28 -8.91 -13.51
CA LEU A 158 9.40 -9.84 -13.34
C LEU A 158 10.65 -9.06 -12.99
N GLN A 159 11.23 -9.37 -11.82
CA GLN A 159 12.41 -8.69 -11.32
C GLN A 159 13.56 -9.70 -11.16
N PHE A 160 14.77 -9.28 -11.53
CA PHE A 160 15.93 -10.18 -11.55
C PHE A 160 17.13 -9.68 -10.74
N SER A 161 16.91 -8.63 -9.96
CA SER A 161 17.91 -8.18 -9.00
C SER A 161 17.20 -7.67 -7.76
N THR A 162 17.88 -7.70 -6.63
CA THR A 162 17.32 -7.16 -5.39
C THR A 162 16.97 -5.69 -5.61
N ILE A 163 15.69 -5.37 -5.47
CA ILE A 163 15.23 -4.00 -5.61
C ILE A 163 14.29 -3.72 -4.45
N LYS A 164 14.42 -2.54 -3.87
CA LYS A 164 13.64 -2.21 -2.68
C LYS A 164 12.35 -1.47 -3.10
N MET A 165 11.33 -2.22 -3.50
CA MET A 165 10.08 -1.62 -3.92
C MET A 165 9.14 -1.39 -2.74
N ALA A 166 8.38 -0.31 -2.79
CA ALA A 166 7.33 -0.09 -1.80
C ALA A 166 6.01 -0.68 -2.27
N HIS A 167 5.82 -0.68 -3.59
CA HIS A 167 4.57 -1.07 -4.23
C HIS A 167 4.94 -1.73 -5.53
N ALA A 168 4.02 -2.50 -6.11
CA ALA A 168 4.27 -3.06 -7.43
C ALA A 168 4.43 -1.90 -8.41
N PRO A 169 5.17 -2.11 -9.52
CA PRO A 169 5.36 -1.06 -10.53
C PRO A 169 4.02 -0.61 -11.10
N PRO A 170 3.96 0.60 -11.66
CA PRO A 170 2.70 1.10 -12.23
C PRO A 170 2.11 0.08 -13.20
N GLY A 171 0.79 -0.09 -13.17
CA GLY A 171 0.13 -1.05 -14.03
C GLY A 171 0.28 -2.49 -13.61
N HIS A 172 1.02 -2.73 -12.53
CA HIS A 172 1.25 -4.11 -12.05
C HIS A 172 0.63 -4.36 -10.68
N HIS A 173 0.51 -5.64 -10.30
CA HIS A 173 -0.14 -6.00 -9.03
C HIS A 173 0.68 -6.90 -8.12
N SER A 174 1.78 -7.43 -8.66
CA SER A 174 2.67 -8.27 -7.89
C SER A 174 4.06 -8.21 -8.49
N VAL A 175 5.02 -8.79 -7.77
CA VAL A 175 6.37 -8.95 -8.29
C VAL A 175 6.77 -10.40 -8.14
N ILE A 176 7.30 -10.96 -9.22
CA ILE A 176 7.93 -12.28 -9.14
C ILE A 176 9.43 -12.04 -9.20
N GLY A 177 10.10 -12.28 -8.08
CA GLY A 177 11.51 -11.96 -7.98
C GLY A 177 12.40 -13.18 -7.96
N ARG A 178 13.52 -13.09 -8.67
CA ARG A 178 14.55 -14.12 -8.63
C ARG A 178 15.86 -13.54 -8.11
N PRO A 179 16.20 -13.87 -6.85
CA PRO A 179 17.39 -13.38 -6.15
C PRO A 179 18.68 -13.54 -6.96
N TYR A 186 15.42 -19.46 -7.07
CA TYR A 186 13.99 -19.79 -7.02
C TYR A 186 13.11 -18.54 -6.95
N ALA A 187 11.91 -18.62 -7.51
CA ALA A 187 11.02 -17.45 -7.58
C ALA A 187 10.43 -17.08 -6.22
N GLU A 188 10.36 -15.77 -5.95
CA GLU A 188 9.62 -15.29 -4.80
C GLU A 188 8.43 -14.48 -5.28
N TYR A 189 7.24 -14.83 -4.79
CA TYR A 189 6.01 -14.15 -5.16
C TYR A 189 5.66 -13.11 -4.11
N VAL A 190 5.57 -11.88 -4.55
CA VAL A 190 5.47 -10.74 -3.64
C VAL A 190 4.30 -9.84 -3.99
N ILE A 191 3.45 -9.59 -3.01
CA ILE A 191 2.37 -8.61 -3.18
C ILE A 191 2.61 -7.51 -2.18
N TYR A 192 2.04 -6.33 -2.44
CA TYR A 192 2.30 -5.15 -1.61
C TYR A 192 1.03 -4.68 -0.91
N ARG A 193 -0.05 -5.42 -1.12
CA ARG A 193 -1.33 -5.16 -0.46
C ARG A 193 -1.87 -6.45 0.15
N GLY A 194 -2.13 -6.45 1.46
CA GLY A 194 -2.53 -7.65 2.16
C GLY A 194 -3.79 -8.30 1.60
N GLU A 195 -4.66 -7.48 1.02
CA GLU A 195 -5.94 -8.03 0.56
C GLU A 195 -5.82 -8.83 -0.73
N GLN A 196 -4.62 -8.86 -1.31
CA GLN A 196 -4.35 -9.73 -2.45
C GLN A 196 -3.96 -11.18 -2.08
N ALA A 197 -4.10 -11.52 -0.80
CA ALA A 197 -3.95 -12.92 -0.36
C ALA A 197 -5.01 -13.30 0.67
N TYR A 198 -5.58 -14.50 0.53
CA TYR A 198 -6.50 -15.04 1.51
C TYR A 198 -5.89 -16.31 2.12
N PRO A 199 -5.84 -16.39 3.46
CA PRO A 199 -5.20 -17.53 4.12
C PRO A 199 -6.11 -18.74 4.10
N GLU A 200 -6.28 -19.36 2.93
CA GLU A 200 -7.29 -20.39 2.74
C GLU A 200 -7.12 -21.59 3.65
N TYR A 201 -5.90 -22.14 3.68
CA TYR A 201 -5.64 -23.34 4.47
C TYR A 201 -4.60 -23.08 5.55
N LEU A 202 -4.96 -23.45 6.78
CA LEU A 202 -4.05 -23.40 7.91
C LEU A 202 -3.57 -24.83 8.18
N ILE A 203 -2.26 -25.05 8.00
CA ILE A 203 -1.65 -26.36 8.18
C ILE A 203 -0.82 -26.41 9.46
N THR A 204 -1.17 -27.34 10.35
CA THR A 204 -0.44 -27.52 11.58
C THR A 204 0.38 -28.81 11.43
N TYR A 205 1.67 -28.75 11.76
CA TYR A 205 2.57 -29.83 11.38
C TYR A 205 3.84 -29.88 12.22
N GLN A 206 4.58 -30.98 12.08
CA GLN A 206 5.95 -31.07 12.58
C GLN A 206 6.83 -31.40 11.38
N ILE A 207 8.07 -30.91 11.38
CA ILE A 207 9.04 -31.45 10.45
C ILE A 207 9.45 -32.82 11.02
N MET A 208 9.78 -33.75 10.15
CA MET A 208 10.17 -35.09 10.57
C MET A 208 11.66 -35.39 10.42
N LYS A 209 12.24 -35.95 11.48
CA LYS A 209 13.65 -36.35 11.48
C LYS A 209 13.87 -37.47 10.47
N PRO A 210 14.80 -37.28 9.51
CA PRO A 210 15.10 -38.33 8.53
C PRO A 210 15.59 -39.61 9.22
N GLU A 211 15.23 -40.77 8.67
CA GLU A 211 15.65 -42.02 9.28
C GLU A 211 17.10 -42.36 8.95
N GLY B 2 -17.41 6.70 -16.27
CA GLY B 2 -16.25 7.57 -16.34
C GLY B 2 -16.36 8.78 -15.41
N THR B 3 -15.35 9.64 -15.45
CA THR B 3 -15.37 10.86 -14.64
C THR B 3 -16.15 11.98 -15.32
N ILE B 4 -17.00 12.65 -14.56
CA ILE B 4 -17.64 13.89 -15.01
C ILE B 4 -17.12 15.07 -14.17
N LEU B 5 -16.83 16.18 -14.82
CA LEU B 5 -16.41 17.40 -14.14
C LEU B 5 -17.56 18.40 -14.07
N LEU B 6 -17.95 18.76 -12.85
CA LEU B 6 -19.08 19.64 -12.62
C LEU B 6 -18.59 21.06 -12.30
N ASP B 7 -18.83 22.00 -13.21
CA ASP B 7 -18.41 23.38 -12.99
C ASP B 7 -19.18 24.03 -11.87
N LEU B 8 -18.47 24.68 -10.96
CA LEU B 8 -19.10 25.48 -9.94
C LEU B 8 -19.11 26.94 -10.41
N ALA B 9 -20.25 27.62 -10.27
CA ALA B 9 -20.31 29.05 -10.61
C ALA B 9 -19.60 29.85 -9.54
N PRO B 10 -19.01 31.00 -9.91
CA PRO B 10 -18.33 31.84 -8.92
C PRO B 10 -19.28 32.39 -7.86
N GLU B 11 -20.58 32.41 -8.16
CA GLU B 11 -21.58 32.88 -7.22
C GLU B 11 -21.90 31.82 -6.16
N ASP B 12 -21.52 30.59 -6.46
CA ASP B 12 -21.74 29.46 -5.57
C ASP B 12 -20.83 29.57 -4.34
N LYS B 13 -21.43 29.47 -3.14
CA LYS B 13 -20.64 29.60 -1.91
C LYS B 13 -19.61 28.49 -1.74
N GLU B 14 -19.85 27.35 -2.37
CA GLU B 14 -18.90 26.27 -2.32
C GLU B 14 -17.64 26.60 -3.15
N TYR B 15 -17.85 27.31 -4.25
CA TYR B 15 -16.74 27.81 -5.05
C TYR B 15 -15.97 28.78 -4.18
N GLN B 16 -16.71 29.68 -3.53
CA GLN B 16 -16.08 30.73 -2.75
C GLN B 16 -15.27 30.17 -1.58
N SER B 17 -15.80 29.12 -0.94
CA SER B 17 -15.09 28.51 0.18
C SER B 17 -13.74 27.92 -0.26
N VAL B 18 -13.75 27.24 -1.39
CA VAL B 18 -12.54 26.61 -1.92
C VAL B 18 -11.51 27.65 -2.34
N GLU B 19 -11.93 28.66 -3.11
CA GLU B 19 -10.98 29.72 -3.49
C GLU B 19 -10.41 30.39 -2.24
N GLU B 20 -11.25 30.65 -1.25
CA GLU B 20 -10.79 31.32 -0.04
C GLU B 20 -9.78 30.48 0.73
N GLU B 21 -9.99 29.17 0.76
CA GLU B 21 -9.04 28.30 1.44
C GLU B 21 -7.72 28.27 0.67
N MET B 22 -7.82 28.29 -0.65
CA MET B 22 -6.61 28.32 -1.46
C MET B 22 -5.88 29.65 -1.28
N GLN B 23 -6.61 30.76 -1.41
CA GLN B 23 -5.97 32.09 -1.34
C GLN B 23 -5.35 32.36 0.04
N SER B 24 -6.04 31.96 1.11
CA SER B 24 -5.64 32.33 2.46
C SER B 24 -4.53 31.46 3.04
N THR B 25 -4.15 30.40 2.33
CA THR B 25 -3.11 29.49 2.83
C THR B 25 -1.81 29.57 2.04
N ILE B 26 -1.65 30.66 1.29
CA ILE B 26 -0.36 30.93 0.70
C ILE B 26 0.58 31.29 1.84
N ARG B 27 1.79 30.70 1.83
CA ARG B 27 2.83 31.06 2.78
C ARG B 27 4.17 31.23 2.07
N GLU B 28 5.14 31.81 2.78
CA GLU B 28 6.49 31.93 2.25
C GLU B 28 7.19 30.56 2.31
N HIS B 29 7.99 30.26 1.29
CA HIS B 29 8.69 28.98 1.28
C HIS B 29 10.21 29.11 1.41
N ARG B 30 10.84 28.07 1.96
CA ARG B 30 12.26 28.16 2.25
C ARG B 30 13.10 28.33 0.97
N ASP B 31 12.61 27.84 -0.17
CA ASP B 31 13.37 28.00 -1.41
C ASP B 31 13.26 29.41 -2.01
N GLY B 32 12.64 30.32 -1.29
CA GLY B 32 12.51 31.70 -1.71
C GLY B 32 11.54 31.94 -2.85
N GLY B 33 10.92 30.88 -3.38
CA GLY B 33 9.99 31.03 -4.49
C GLY B 33 10.45 30.26 -5.71
N ASN B 34 11.56 29.55 -5.57
CA ASN B 34 12.17 28.86 -6.70
C ASN B 34 11.31 27.78 -7.33
N ALA B 35 10.69 26.95 -6.51
CA ALA B 35 9.91 25.84 -7.06
C ALA B 35 8.56 26.27 -7.62
N GLY B 36 7.83 27.07 -6.86
CA GLY B 36 6.46 27.41 -7.23
C GLY B 36 6.24 28.77 -7.86
N GLY B 37 7.26 29.61 -7.82
CA GLY B 37 7.14 30.96 -8.35
C GLY B 37 6.99 32.02 -7.28
N ILE B 38 6.92 33.28 -7.73
CA ILE B 38 6.81 34.41 -6.83
C ILE B 38 5.46 35.07 -7.08
N PHE B 39 4.64 35.20 -6.05
CA PHE B 39 3.26 35.65 -6.20
C PHE B 39 2.69 35.90 -4.81
N ASN B 40 1.66 36.73 -4.69
CA ASN B 40 1.00 36.92 -3.41
C ASN B 40 -0.44 36.43 -3.42
N ARG B 41 -0.93 36.10 -4.61
CA ARG B 41 -2.30 35.60 -4.76
C ARG B 41 -2.39 34.81 -6.06
N TYR B 42 -3.47 34.05 -6.21
CA TYR B 42 -3.75 33.37 -7.47
C TYR B 42 -4.85 34.09 -8.25
N ASN B 43 -4.90 33.87 -9.55
CA ASN B 43 -6.13 34.09 -10.32
C ASN B 43 -6.81 32.72 -10.45
N VAL B 44 -7.85 32.48 -9.66
CA VAL B 44 -8.59 31.24 -9.75
C VAL B 44 -9.62 31.40 -10.85
N ILE B 45 -9.48 30.62 -11.91
CA ILE B 45 -10.28 30.83 -13.11
C ILE B 45 -11.26 29.70 -13.41
N ARG B 46 -11.20 28.63 -12.62
CA ARG B 46 -12.18 27.55 -12.73
C ARG B 46 -12.10 26.59 -11.54
N ILE B 47 -13.26 26.14 -11.09
CA ILE B 47 -13.34 25.11 -10.05
C ILE B 47 -14.39 24.09 -10.47
N GLN B 48 -13.94 22.86 -10.65
CA GLN B 48 -14.80 21.76 -11.03
C GLN B 48 -14.83 20.68 -9.93
N LYS B 49 -16.02 20.16 -9.66
CA LYS B 49 -16.14 18.99 -8.78
C LYS B 49 -16.00 17.72 -9.61
N VAL B 50 -15.14 16.82 -9.14
CA VAL B 50 -14.86 15.58 -9.83
C VAL B 50 -15.88 14.55 -9.38
N VAL B 51 -16.70 14.08 -10.32
CA VAL B 51 -17.71 13.09 -10.01
C VAL B 51 -17.36 11.77 -10.65
N ASN B 52 -17.21 10.74 -9.84
CA ASN B 52 -16.84 9.43 -10.37
C ASN B 52 -17.26 8.34 -9.39
N LYS B 53 -18.27 7.58 -9.80
CA LYS B 53 -18.90 6.55 -8.98
C LYS B 53 -17.90 5.50 -8.52
N LYS B 54 -17.06 5.06 -9.45
CA LYS B 54 -16.04 4.06 -9.16
C LYS B 54 -15.06 4.57 -8.11
N LEU B 55 -14.53 5.78 -8.33
CA LEU B 55 -13.58 6.37 -7.40
C LEU B 55 -14.21 6.63 -6.02
N ARG B 56 -15.46 7.09 -6.03
CA ARG B 56 -16.18 7.35 -4.77
C ARG B 56 -16.41 6.05 -3.96
N GLU B 57 -16.73 4.96 -4.66
CA GLU B 57 -16.89 3.65 -4.02
C GLU B 57 -15.58 3.21 -3.37
N ARG B 58 -14.52 3.24 -4.16
CA ARG B 58 -13.23 2.78 -3.63
C ARG B 58 -12.83 3.61 -2.42
N PHE B 59 -13.06 4.92 -2.50
CA PHE B 59 -12.78 5.83 -1.40
C PHE B 59 -13.60 5.52 -0.14
N CYS B 60 -14.90 5.35 -0.31
CA CYS B 60 -15.77 5.11 0.84
C CYS B 60 -15.56 3.72 1.45
N HIS B 61 -15.27 2.73 0.62
CA HIS B 61 -14.99 1.37 1.07
C HIS B 61 -13.81 1.38 2.03
N ARG B 62 -12.77 2.12 1.64
CA ARG B 62 -11.55 2.20 2.43
C ARG B 62 -11.80 3.01 3.69
N GLN B 63 -12.61 4.06 3.58
CA GLN B 63 -12.94 4.88 4.73
C GLN B 63 -13.54 4.02 5.85
N LYS B 64 -14.42 3.10 5.46
CA LYS B 64 -15.06 2.23 6.44
C LYS B 64 -14.03 1.33 7.14
N GLU B 65 -13.08 0.80 6.37
CA GLU B 65 -12.04 -0.05 6.96
C GLU B 65 -11.19 0.71 7.97
N VAL B 66 -10.73 1.88 7.56
CA VAL B 66 -9.96 2.75 8.43
C VAL B 66 -10.71 3.05 9.72
N SER B 67 -11.96 3.46 9.59
CA SER B 67 -12.80 3.80 10.74
C SER B 67 -12.89 2.67 11.77
N GLU B 68 -13.08 1.44 11.29
CA GLU B 68 -13.12 0.27 12.18
C GLU B 68 -11.83 0.14 12.99
N GLU B 69 -10.71 0.52 12.38
CA GLU B 69 -9.41 0.34 13.04
C GLU B 69 -9.01 1.57 13.83
N ASN B 70 -9.86 2.58 13.85
CA ASN B 70 -9.50 3.84 14.48
C ASN B 70 -10.64 4.36 15.36
N HIS B 71 -11.26 3.44 16.11
CA HIS B 71 -12.30 3.79 17.07
C HIS B 71 -13.43 4.58 16.44
N ASN B 72 -13.90 4.09 15.30
CA ASN B 72 -14.98 4.71 14.53
C ASN B 72 -14.76 6.16 14.09
N HIS B 73 -13.51 6.51 13.84
CA HIS B 73 -13.19 7.82 13.30
C HIS B 73 -12.33 7.61 12.06
N HIS B 74 -12.77 8.11 10.91
CA HIS B 74 -11.89 8.02 9.75
C HIS B 74 -10.91 9.21 9.66
N ASN B 75 -11.15 10.23 10.48
CA ASN B 75 -10.27 11.39 10.57
C ASN B 75 -9.97 11.95 9.20
N GLU B 76 -11.02 12.47 8.55
CA GLU B 76 -10.90 13.02 7.22
C GLU B 76 -10.51 14.49 7.28
N ARG B 77 -9.63 14.92 6.37
CA ARG B 77 -9.28 16.34 6.26
C ARG B 77 -9.21 16.77 4.81
N MET B 78 -9.57 18.02 4.55
CA MET B 78 -9.45 18.58 3.23
C MET B 78 -8.04 19.13 3.06
N LEU B 79 -7.30 18.64 2.07
CA LEU B 79 -5.92 19.08 1.87
C LEU B 79 -5.61 19.23 0.40
N PHE B 80 -4.59 20.05 0.09
CA PHE B 80 -4.22 20.30 -1.30
C PHE B 80 -3.22 19.29 -1.82
N HIS B 81 -3.29 19.02 -3.11
CA HIS B 81 -2.30 18.18 -3.77
C HIS B 81 -1.99 18.75 -5.13
N GLY B 82 -0.71 18.85 -5.45
CA GLY B 82 -0.30 19.22 -6.78
C GLY B 82 0.71 18.20 -7.27
N SER B 83 0.71 17.95 -8.58
CA SER B 83 1.62 16.99 -9.19
C SER B 83 1.37 16.98 -10.69
N PRO B 84 2.27 16.40 -11.48
CA PRO B 84 2.00 16.30 -12.92
C PRO B 84 0.97 15.24 -13.25
N PHE B 85 0.46 14.53 -12.25
CA PHE B 85 -0.43 13.41 -12.50
C PHE B 85 -1.92 13.78 -12.47
N ILE B 86 -2.22 15.08 -12.50
CA ILE B 86 -3.59 15.55 -12.25
C ILE B 86 -4.63 14.90 -13.16
N ASN B 87 -4.32 14.86 -14.45
CA ASN B 87 -5.26 14.31 -15.42
C ASN B 87 -5.48 12.82 -15.18
N ALA B 88 -4.42 12.10 -14.84
CA ALA B 88 -4.55 10.69 -14.52
C ALA B 88 -5.39 10.52 -13.26
N ILE B 89 -5.16 11.39 -12.27
CA ILE B 89 -5.81 11.25 -10.97
C ILE B 89 -7.33 11.43 -11.03
N ILE B 90 -7.79 12.42 -11.79
CA ILE B 90 -9.22 12.71 -11.81
C ILE B 90 -9.99 11.67 -12.63
N HIS B 91 -9.26 10.88 -13.42
CA HIS B 91 -9.90 9.84 -14.22
C HIS B 91 -9.77 8.45 -13.60
N LYS B 92 -8.61 8.16 -13.01
CA LYS B 92 -8.34 6.82 -12.49
C LYS B 92 -8.12 6.78 -10.98
N GLY B 93 -8.06 7.96 -10.35
CA GLY B 93 -7.85 8.03 -8.92
C GLY B 93 -6.39 8.14 -8.57
N PHE B 94 -6.11 8.47 -7.32
CA PHE B 94 -4.75 8.50 -6.83
C PHE B 94 -4.20 7.09 -6.86
N ASP B 95 -2.95 6.94 -7.26
CA ASP B 95 -2.36 5.63 -7.44
C ASP B 95 -0.95 5.63 -6.83
N GLU B 96 -0.81 4.99 -5.68
CA GLU B 96 0.46 4.95 -4.94
C GLU B 96 1.60 4.30 -5.71
N ARG B 97 1.28 3.52 -6.73
CA ARG B 97 2.32 2.89 -7.55
C ARG B 97 3.23 3.91 -8.26
N HIS B 98 2.75 5.14 -8.43
CA HIS B 98 3.56 6.22 -8.99
C HIS B 98 4.55 6.85 -7.96
N ALA B 99 4.46 6.42 -6.70
CA ALA B 99 5.34 6.95 -5.66
C ALA B 99 6.70 6.23 -5.60
N TYR B 100 7.77 6.99 -5.38
CA TYR B 100 9.09 6.41 -5.10
C TYR B 100 9.85 7.22 -4.05
N GLY B 103 10.13 9.87 -1.63
CA GLY B 103 9.71 11.12 -1.00
C GLY B 103 10.39 11.33 0.34
N MET B 104 10.23 12.52 0.90
CA MET B 104 10.79 12.91 2.19
C MET B 104 10.44 11.94 3.33
N PHE B 105 9.20 11.47 3.31
CA PHE B 105 8.72 10.53 4.30
C PHE B 105 8.24 9.26 3.62
N GLY B 106 8.88 8.92 2.50
CA GLY B 106 8.65 7.62 1.91
C GLY B 106 7.80 7.60 0.67
N ALA B 107 7.50 6.38 0.21
CA ALA B 107 6.81 6.18 -1.08
C ALA B 107 5.31 6.34 -0.93
N GLY B 108 4.88 7.56 -0.62
CA GLY B 108 3.47 7.84 -0.44
C GLY B 108 3.00 8.95 -1.36
N ILE B 109 1.74 9.32 -1.19
CA ILE B 109 1.14 10.44 -1.92
C ILE B 109 0.98 11.57 -0.92
N TYR B 110 1.41 12.76 -1.32
CA TYR B 110 1.61 13.88 -0.40
C TYR B 110 0.59 15.01 -0.52
N PHE B 111 0.21 15.58 0.62
CA PHE B 111 -0.80 16.62 0.70
C PHE B 111 -0.36 17.68 1.70
N ALA B 112 -0.83 18.91 1.52
CA ALA B 112 -0.49 20.01 2.42
C ALA B 112 -1.70 20.87 2.78
N GLU B 113 -1.65 21.46 3.97
CA GLU B 113 -2.66 22.44 4.34
C GLU B 113 -2.48 23.71 3.54
N ASN B 114 -1.26 23.97 3.08
CA ASN B 114 -0.98 25.20 2.34
C ASN B 114 -1.00 25.02 0.83
N SER B 115 -1.85 25.80 0.15
CA SER B 115 -1.95 25.70 -1.30
C SER B 115 -0.61 25.97 -1.98
N SER B 116 0.16 26.92 -1.46
CA SER B 116 1.42 27.30 -2.08
C SER B 116 2.42 26.15 -2.02
N LYS B 117 2.31 25.30 -1.00
CA LYS B 117 3.17 24.11 -0.95
C LYS B 117 2.88 23.22 -2.14
N SER B 118 1.61 22.91 -2.35
CA SER B 118 1.21 22.03 -3.44
C SER B 118 1.53 22.65 -4.80
N ASN B 119 1.50 23.99 -4.87
CA ASN B 119 1.84 24.70 -6.10
C ASN B 119 3.30 24.45 -6.52
N GLN B 120 4.14 24.07 -5.56
CA GLN B 120 5.54 23.75 -5.88
C GLN B 120 5.71 22.49 -6.73
N TYR B 121 4.70 21.63 -6.75
CA TYR B 121 4.83 20.34 -7.43
C TYR B 121 4.09 20.24 -8.76
N VAL B 122 3.37 21.30 -9.14
CA VAL B 122 2.56 21.28 -10.35
C VAL B 122 3.37 20.83 -11.57
N TYR B 123 4.58 21.34 -11.69
CA TYR B 123 5.44 20.98 -12.81
C TYR B 123 6.49 19.90 -12.44
N GLY B 124 6.29 19.25 -11.29
CA GLY B 124 7.18 18.17 -10.88
C GLY B 124 7.95 18.52 -9.63
N ILE B 125 8.80 17.60 -9.18
CA ILE B 125 9.61 17.82 -7.98
C ILE B 125 10.47 19.05 -8.16
N GLY B 126 10.45 19.96 -7.17
CA GLY B 126 11.23 21.18 -7.25
C GLY B 126 10.72 22.11 -8.34
N GLY B 127 9.50 21.87 -8.82
CA GLY B 127 8.95 22.67 -9.89
C GLY B 127 9.43 22.22 -11.26
N GLY B 128 10.30 21.21 -11.28
CA GLY B 128 10.87 20.72 -12.53
C GLY B 128 11.54 21.81 -13.34
N THR B 129 11.28 21.82 -14.65
CA THR B 129 11.78 22.90 -15.50
C THR B 129 10.70 23.96 -15.72
N GLY B 130 9.60 23.89 -14.97
CA GLY B 130 8.55 24.88 -15.08
C GLY B 130 7.55 24.56 -16.18
N CYS B 131 6.86 25.58 -16.69
CA CYS B 131 5.81 25.34 -17.67
C CYS B 131 6.43 24.81 -18.95
N PRO B 132 5.72 23.91 -19.65
CA PRO B 132 6.16 23.35 -20.93
C PRO B 132 6.50 24.46 -21.94
N THR B 133 5.59 25.42 -22.09
CA THR B 133 5.75 26.42 -23.12
C THR B 133 6.92 27.37 -22.90
N HIS B 134 7.11 27.85 -21.67
CA HIS B 134 8.14 28.85 -21.41
C HIS B 134 9.30 28.40 -20.52
N LYS B 135 9.25 27.17 -20.00
CA LYS B 135 10.29 26.70 -19.06
C LYS B 135 10.49 27.68 -17.89
N ASP B 136 9.40 28.07 -17.27
CA ASP B 136 9.43 29.13 -16.26
C ASP B 136 8.66 28.65 -15.04
N ARG B 137 9.38 28.37 -13.94
CA ARG B 137 8.73 27.93 -12.72
C ARG B 137 7.84 29.04 -12.13
N SER B 138 8.07 30.27 -12.56
CA SER B 138 7.28 31.39 -12.10
C SER B 138 6.40 31.98 -13.22
N CYS B 139 6.04 31.17 -14.22
CA CYS B 139 5.20 31.64 -15.33
C CYS B 139 3.87 32.22 -14.85
N TYR B 140 3.52 33.40 -15.35
CA TYR B 140 2.28 34.07 -14.98
C TYR B 140 1.23 33.92 -16.08
N ILE B 141 1.62 33.25 -17.16
CA ILE B 141 0.78 33.10 -18.33
C ILE B 141 0.09 31.73 -18.33
N CYS B 142 0.88 30.68 -18.11
CA CYS B 142 0.37 29.32 -18.26
C CYS B 142 -0.57 28.92 -17.13
N HIS B 143 -1.60 28.15 -17.47
CA HIS B 143 -2.57 27.74 -16.46
C HIS B 143 -2.08 26.52 -15.69
N ARG B 144 -2.35 26.51 -14.39
CA ARG B 144 -1.95 25.40 -13.54
C ARG B 144 -3.21 24.72 -13.01
N GLN B 145 -3.08 23.48 -12.57
CA GLN B 145 -4.17 22.84 -11.85
C GLN B 145 -3.67 22.25 -10.55
N MET B 146 -4.51 22.32 -9.51
CA MET B 146 -4.23 21.60 -8.28
C MET B 146 -5.54 21.03 -7.75
N LEU B 147 -5.45 20.06 -6.86
CA LEU B 147 -6.63 19.38 -6.34
C LEU B 147 -6.82 19.76 -4.89
N PHE B 148 -8.07 20.00 -4.49
CA PHE B 148 -8.38 20.15 -3.08
C PHE B 148 -9.16 18.88 -2.73
N CYS B 149 -8.58 18.03 -1.88
CA CYS B 149 -9.03 16.64 -1.74
C CYS B 149 -9.54 16.26 -0.36
N ARG B 150 -10.44 15.28 -0.31
CA ARG B 150 -10.80 14.63 0.95
C ARG B 150 -9.73 13.60 1.20
N VAL B 151 -9.10 13.65 2.37
CA VAL B 151 -8.03 12.71 2.66
C VAL B 151 -8.32 11.96 3.95
N THR B 152 -8.43 10.64 3.85
CA THR B 152 -8.67 9.78 5.02
C THR B 152 -7.37 9.54 5.77
N LEU B 153 -7.18 10.21 6.91
CA LEU B 153 -5.94 10.08 7.67
C LEU B 153 -5.94 8.96 8.70
N GLY B 154 -7.13 8.60 9.20
CA GLY B 154 -7.25 7.57 10.21
C GLY B 154 -6.37 7.90 11.41
N LYS B 155 -5.67 6.90 11.93
CA LYS B 155 -4.69 7.18 12.96
C LYS B 155 -3.36 7.57 12.32
N SER B 156 -2.98 8.82 12.53
CA SER B 156 -1.75 9.36 11.95
C SER B 156 -0.56 9.05 12.83
N PHE B 157 0.55 8.68 12.20
CA PHE B 157 1.82 8.52 12.88
C PHE B 157 2.61 9.82 12.70
N LEU B 158 3.06 10.41 13.81
CA LEU B 158 3.88 11.61 13.76
C LEU B 158 5.36 11.27 13.55
N GLN B 159 5.92 11.83 12.49
CA GLN B 159 7.31 11.55 12.08
C GLN B 159 8.07 12.88 12.05
N PHE B 160 9.30 12.89 12.55
CA PHE B 160 10.04 14.14 12.74
C PHE B 160 11.43 14.20 12.09
N SER B 161 11.65 13.34 11.11
CA SER B 161 12.88 13.38 10.35
C SER B 161 12.61 12.64 9.06
N THR B 162 13.45 12.87 8.07
CA THR B 162 13.27 12.17 6.80
C THR B 162 13.45 10.66 7.00
N ILE B 163 12.66 9.88 6.25
CA ILE B 163 12.64 8.44 6.48
C ILE B 163 12.18 7.67 5.25
N LYS B 164 12.72 6.47 5.07
CA LYS B 164 12.25 5.59 4.02
C LYS B 164 11.12 4.77 4.59
N MET B 165 10.00 4.77 3.90
CA MET B 165 8.83 4.06 4.39
C MET B 165 7.88 3.73 3.24
N ALA B 166 7.35 2.52 3.24
CA ALA B 166 6.54 2.02 2.12
C ALA B 166 5.05 2.07 2.44
N HIS B 167 4.73 1.92 3.72
CA HIS B 167 3.35 1.88 4.20
C HIS B 167 3.32 2.57 5.56
N ALA B 168 2.13 2.95 6.01
CA ALA B 168 2.00 3.57 7.32
C ALA B 168 2.47 2.53 8.33
N PRO B 169 2.98 2.98 9.49
CA PRO B 169 3.38 2.01 10.51
C PRO B 169 2.19 1.18 10.99
N PRO B 170 2.45 -0.02 11.52
CA PRO B 170 1.39 -0.90 12.03
C PRO B 170 0.40 -0.13 12.89
N GLY B 171 -0.87 -0.46 12.79
CA GLY B 171 -1.91 0.24 13.53
C GLY B 171 -2.25 1.65 13.05
N HIS B 172 -1.50 2.16 12.07
CA HIS B 172 -1.74 3.54 11.62
C HIS B 172 -2.21 3.59 10.16
N HIS B 173 -2.65 4.76 9.70
CA HIS B 173 -3.17 4.86 8.33
C HIS B 173 -2.57 6.01 7.51
N SER B 174 -1.75 6.84 8.15
CA SER B 174 -1.10 7.94 7.46
C SER B 174 0.12 8.38 8.25
N VAL B 175 0.93 9.24 7.63
CA VAL B 175 2.07 9.80 8.35
C VAL B 175 1.98 11.31 8.26
N ILE B 176 2.15 11.98 9.41
CA ILE B 176 2.28 13.42 9.41
C ILE B 176 3.72 13.73 9.69
N GLY B 177 4.44 14.07 8.63
CA GLY B 177 5.89 14.22 8.69
C GLY B 177 6.37 15.65 8.76
N ARG B 178 7.37 15.86 9.59
CA ARG B 178 8.03 17.14 9.71
C ARG B 178 9.53 16.90 9.51
N PRO B 179 10.23 17.87 8.91
CA PRO B 179 11.63 17.73 8.50
C PRO B 179 12.61 17.75 9.66
N SER B 180 12.15 18.25 10.79
CA SER B 180 13.05 18.43 11.93
C SER B 180 12.24 18.18 13.17
N VAL B 181 12.91 18.02 14.31
CA VAL B 181 12.21 17.72 15.56
C VAL B 181 11.73 19.01 16.20
N ASN B 182 10.56 19.45 15.77
CA ASN B 182 10.07 20.78 16.11
C ASN B 182 8.59 20.76 15.84
N GLY B 183 7.79 20.90 16.91
CA GLY B 183 6.35 20.91 16.78
C GLY B 183 5.80 22.04 15.93
N LEU B 184 6.61 23.07 15.69
CA LEU B 184 6.17 24.22 14.89
C LEU B 184 6.45 24.03 13.40
N ALA B 185 7.35 23.12 13.06
CA ALA B 185 7.70 22.93 11.66
C ALA B 185 6.50 22.53 10.82
N TYR B 186 6.51 22.92 9.55
CA TYR B 186 5.42 22.62 8.64
C TYR B 186 5.31 21.14 8.35
N ALA B 187 4.09 20.63 8.34
CA ALA B 187 3.83 19.21 8.20
C ALA B 187 3.47 18.83 6.77
N GLU B 188 3.91 17.66 6.36
CA GLU B 188 3.44 17.06 5.12
C GLU B 188 2.56 15.88 5.50
N TYR B 189 1.42 15.75 4.83
CA TYR B 189 0.47 14.67 5.12
C TYR B 189 0.62 13.60 4.06
N VAL B 190 0.85 12.37 4.50
CA VAL B 190 1.23 11.29 3.60
C VAL B 190 0.36 10.05 3.76
N ILE B 191 -0.22 9.58 2.66
CA ILE B 191 -0.95 8.31 2.64
C ILE B 191 -0.20 7.37 1.72
N TYR B 192 -0.36 6.06 1.95
CA TYR B 192 0.42 5.08 1.18
C TYR B 192 -0.53 4.19 0.40
N ARG B 193 -1.78 4.63 0.33
CA ARG B 193 -2.83 3.95 -0.44
C ARG B 193 -3.69 5.00 -1.13
N GLY B 194 -3.75 4.95 -2.46
CA GLY B 194 -4.42 5.97 -3.24
C GLY B 194 -5.88 6.12 -2.91
N GLU B 195 -6.51 5.05 -2.44
CA GLU B 195 -7.93 5.11 -2.15
C GLU B 195 -8.25 5.85 -0.84
N GLN B 196 -7.22 6.33 -0.15
CA GLN B 196 -7.45 7.17 1.03
C GLN B 196 -7.50 8.66 0.72
N ALA B 197 -7.66 9.00 -0.56
CA ALA B 197 -7.86 10.38 -0.97
C ALA B 197 -8.82 10.44 -2.13
N TYR B 198 -9.74 11.41 -2.08
CA TYR B 198 -10.63 11.65 -3.20
C TYR B 198 -10.37 13.03 -3.76
N PRO B 199 -10.18 13.11 -5.09
CA PRO B 199 -9.87 14.42 -5.66
C PRO B 199 -11.16 15.21 -5.90
N GLU B 200 -11.73 15.71 -4.81
CA GLU B 200 -13.02 16.39 -4.81
C GLU B 200 -13.11 17.61 -5.72
N TYR B 201 -12.14 18.52 -5.61
CA TYR B 201 -12.18 19.74 -6.39
C TYR B 201 -10.99 19.90 -7.31
N LEU B 202 -11.26 20.16 -8.59
CA LEU B 202 -10.22 20.45 -9.55
C LEU B 202 -10.15 21.97 -9.78
N ILE B 203 -9.04 22.57 -9.38
CA ILE B 203 -8.87 24.02 -9.42
C ILE B 203 -7.94 24.44 -10.55
N THR B 204 -8.43 25.29 -11.45
CA THR B 204 -7.60 25.80 -12.53
C THR B 204 -7.26 27.26 -12.23
N TYR B 205 -5.99 27.60 -12.34
CA TYR B 205 -5.56 28.88 -11.82
C TYR B 205 -4.22 29.31 -12.39
N GLN B 206 -3.87 30.55 -12.12
CA GLN B 206 -2.53 31.06 -12.39
C GLN B 206 -2.04 31.69 -11.10
N ILE B 207 -0.72 31.70 -10.90
CA ILE B 207 -0.15 32.58 -9.90
C ILE B 207 -0.13 33.98 -10.51
N MET B 208 -0.25 35.01 -9.69
CA MET B 208 -0.25 36.38 -10.17
C MET B 208 0.99 37.12 -9.67
N LYS B 209 1.58 37.96 -10.52
CA LYS B 209 2.75 38.72 -10.12
C LYS B 209 2.41 39.63 -8.96
N PRO B 210 3.38 39.87 -8.07
CA PRO B 210 3.26 40.80 -6.94
C PRO B 210 2.84 42.18 -7.43
N GLU B 211 1.98 42.89 -6.71
CA GLU B 211 1.50 44.22 -7.12
C GLU B 211 1.81 45.27 -6.08
ZN ZN C . 10.84 -27.16 20.26
S SO4 D . -8.68 -15.74 -13.95
O1 SO4 D . -9.16 -15.98 -15.32
O2 SO4 D . -7.23 -15.43 -13.98
O3 SO4 D . -9.46 -14.63 -13.39
O4 SO4 D . -8.87 -16.94 -13.15
S SO4 E . 17.01 -20.95 -0.92
O1 SO4 E . 17.70 -22.19 -1.25
O2 SO4 E . 17.91 -19.80 -0.95
O3 SO4 E . 15.96 -20.71 -1.90
O4 SO4 E . 16.44 -21.05 0.42
S SO4 F . -9.42 -17.21 -21.83
O1 SO4 F . -7.97 -17.33 -21.76
O2 SO4 F . -9.96 -17.27 -20.47
O3 SO4 F . -9.71 -15.92 -22.47
O4 SO4 F . -10.01 -18.30 -22.61
S SO4 G . 12.82 -39.95 5.67
O1 SO4 G . 13.42 -40.98 6.54
O2 SO4 G . 13.90 -39.12 5.14
O3 SO4 G . 12.08 -40.55 4.57
O4 SO4 G . 11.87 -39.16 6.46
S1 1XO H . 9.01 -13.26 8.62
C2 1XO H . 9.54 -12.04 7.51
C3 1XO H . 9.98 -10.94 8.13
C5 1XO H . 9.89 -11.05 9.58
C7 1XO H . 9.39 -12.23 9.96
C9 1XO H . 9.55 -12.21 6.02
N12 1XO H . 8.35 -12.81 5.44
C13 1XO H . 8.14 -14.26 5.50
C16 1XO H . 8.28 -15.06 4.24
N17 1XO H . 9.20 -14.78 3.39
C18 1XO H . 9.34 -15.49 2.25
C19 1XO H . 8.50 -16.60 2.00
C20 1XO H . 8.64 -17.34 0.83
C22 1XO H . 9.63 -16.96 -0.08
C24 1XO H . 10.47 -15.87 0.15
C26 1XO H . 10.33 -15.12 1.33
C28 1XO H . 7.48 -16.93 3.07
N29 1XO H . 7.44 -16.10 4.13
O31 1XO H . 6.74 -17.91 2.97
C32 1XO H . 7.43 -12.02 4.83
O33 1XO H . 6.41 -12.50 4.33
C34 1XO H . 7.55 -10.50 4.79
C37 1XO H . 7.04 -9.90 6.13
C40 1XO H . 5.53 -10.17 6.37
C41 1XO H . 4.59 -9.17 6.11
C43 1XO H . 3.22 -9.40 6.31
C45 1XO H . 2.79 -10.65 6.79
C47 1XO H . 3.73 -11.66 7.05
C49 1XO H . 5.08 -11.41 6.84
ZN ZN I . 4.38 29.47 -19.36
S SO4 J . 9.10 24.66 2.76
O1 SO4 J . 10.41 24.03 2.87
O2 SO4 J . 8.74 24.71 1.35
O3 SO4 J . 8.07 23.91 3.46
O4 SO4 J . 9.18 26.03 3.28
S1 1XO K . 5.50 15.24 -8.02
C2 1XO K . 6.16 14.13 -6.86
C3 1XO K . 6.88 13.16 -7.42
C5 1XO K . 6.92 13.27 -8.88
C7 1XO K . 6.22 14.34 -9.30
C9 1XO K . 5.95 14.30 -5.38
N12 1XO K . 4.54 14.48 -5.00
C13 1XO K . 3.86 15.77 -5.17
C16 1XO K . 3.52 16.52 -3.92
N17 1XO K . 4.35 16.57 -2.96
C18 1XO K . 4.12 17.25 -1.82
C19 1XO K . 2.93 17.99 -1.70
C20 1XO K . 2.66 18.70 -0.54
C22 1XO K . 3.58 18.66 0.52
C24 1XO K . 4.76 17.91 0.41
C26 1XO K . 5.03 17.21 -0.76
C28 1XO K . 2.02 17.99 -2.90
N29 1XO K . 2.38 17.23 -3.96
O31 1XO K . 1.02 18.69 -2.91
C32 1XO K . 3.87 13.40 -4.48
O33 1XO K . 2.71 13.49 -4.13
C34 1XO K . 4.51 12.02 -4.33
C37 1XO K . 4.47 11.23 -5.68
C40 1XO K . 3.03 11.03 -6.24
C41 1XO K . 2.44 9.76 -6.15
C43 1XO K . 1.14 9.54 -6.64
C45 1XO K . 0.42 10.59 -7.22
C47 1XO K . 1.01 11.86 -7.33
C49 1XO K . 2.31 12.08 -6.84
#